data_1PG6
#
_entry.id   1PG6
#
_cell.length_a   71.541
_cell.length_b   71.541
_cell.length_c   216.927
_cell.angle_alpha   90.00
_cell.angle_beta   90.00
_cell.angle_gamma   120.00
#
_symmetry.space_group_name_H-M   'H 3 2'
#
loop_
_entity.id
_entity.type
_entity.pdbx_description
1 polymer 'Hypothetical protein SpyM3_0169'
2 non-polymer 'CALCIUM ION'
3 water water
#
_entity_poly.entity_id   1
_entity_poly.type   'polypeptide(L)'
_entity_poly.pdbx_seq_one_letter_code
;LEHHHHH(MSE)VDNR(MSE)RFTIDQN(MSE)QFPLVEIDLEHGGSVYLQQGS(MSE)VYHTENVTLNTKLNGKGSGLG
KLVGAIGRS(MSE)VSGES(MSE)FITQA(MSE)SNGDGKLALAPNTPGQIVALELGEKQYRLNDGAFLALDGSAQYK
(MSE)ERQNIGKALFGGQGGLFV(MSE)TTEGLGTLLANSFGSIKKITLDGGT(MSE)TIDNAHVVAWSRELDYDIHLEN
GF(MSE)QSIGTGEGVVNTFRGHGEIYIQSLNLEQFAGTLKRYLPTSSN
;
_entity_poly.pdbx_strand_id   A
#
loop_
_chem_comp.id
_chem_comp.type
_chem_comp.name
_chem_comp.formula
CA non-polymer 'CALCIUM ION' 'Ca 2'
#
# COMPACT_ATOMS: atom_id res chain seq x y z
N ARG A 12 5.88 -19.50 -3.41
CA ARG A 12 5.45 -18.14 -3.85
C ARG A 12 4.07 -18.22 -4.48
N MSE A 13 3.31 -17.12 -4.37
CA MSE A 13 1.98 -17.08 -4.94
C MSE A 13 2.11 -16.76 -6.43
O MSE A 13 3.09 -16.13 -6.85
CB MSE A 13 1.15 -15.98 -4.28
CG MSE A 13 1.77 -14.60 -4.42
SE MSE A 13 0.69 -13.16 -3.71
CE MSE A 13 0.28 -12.26 -5.37
N ARG A 14 1.14 -17.19 -7.23
CA ARG A 14 1.17 -16.90 -8.66
C ARG A 14 0.00 -15.95 -8.89
N PHE A 15 0.27 -14.82 -9.53
CA PHE A 15 -0.78 -13.83 -9.78
C PHE A 15 -0.93 -13.49 -11.24
N THR A 16 -2.07 -12.90 -11.58
CA THR A 16 -2.35 -12.47 -12.94
C THR A 16 -3.14 -11.18 -12.88
N ILE A 17 -2.48 -10.07 -13.20
CA ILE A 17 -3.15 -8.77 -13.22
C ILE A 17 -3.79 -8.65 -14.58
N ASP A 18 -5.09 -8.37 -14.60
CA ASP A 18 -5.79 -8.26 -15.88
C ASP A 18 -5.13 -7.16 -16.74
N GLN A 19 -4.88 -7.46 -18.01
CA GLN A 19 -4.23 -6.48 -18.90
C GLN A 19 -5.22 -5.70 -19.77
N ASN A 20 -6.37 -6.28 -20.05
CA ASN A 20 -7.35 -5.61 -20.88
C ASN A 20 -8.22 -4.65 -20.09
N MSE A 21 -8.52 -4.99 -18.84
CA MSE A 21 -9.36 -4.13 -18.03
C MSE A 21 -8.67 -2.83 -17.63
O MSE A 21 -7.49 -2.83 -17.24
CB MSE A 21 -9.84 -4.90 -16.81
CG MSE A 21 -10.81 -6.03 -17.15
SE MSE A 21 -10.99 -7.32 -15.69
CE MSE A 21 -10.93 -6.10 -14.31
N GLN A 22 -9.39 -1.74 -17.77
CA GLN A 22 -8.90 -0.41 -17.42
C GLN A 22 -8.65 -0.37 -15.91
N PHE A 23 -9.57 -0.97 -15.18
CA PHE A 23 -9.49 -1.05 -13.70
C PHE A 23 -9.35 -2.56 -13.46
N PRO A 24 -8.12 -3.00 -13.22
CA PRO A 24 -7.77 -4.40 -13.00
C PRO A 24 -8.23 -5.12 -11.75
N LEU A 25 -8.35 -6.42 -11.92
CA LEU A 25 -8.69 -7.35 -10.86
C LEU A 25 -7.43 -8.19 -10.90
N VAL A 26 -7.01 -8.74 -9.77
CA VAL A 26 -5.84 -9.58 -9.76
C VAL A 26 -6.26 -10.96 -9.29
N GLU A 27 -6.01 -11.96 -10.12
CA GLU A 27 -6.35 -13.34 -9.80
C GLU A 27 -5.10 -13.96 -9.22
N ILE A 28 -5.23 -14.56 -8.04
CA ILE A 28 -4.10 -15.16 -7.34
C ILE A 28 -4.27 -16.66 -7.12
N ASP A 29 -3.24 -17.42 -7.45
CA ASP A 29 -3.25 -18.86 -7.25
C ASP A 29 -2.34 -19.18 -6.08
N LEU A 30 -2.88 -19.88 -5.09
CA LEU A 30 -2.12 -20.27 -3.90
C LEU A 30 -1.96 -21.77 -3.81
N GLU A 31 -0.74 -22.21 -3.58
CA GLU A 31 -0.45 -23.64 -3.44
C GLU A 31 -0.81 -24.03 -2.01
N HIS A 32 -0.81 -25.33 -1.74
CA HIS A 32 -1.13 -25.81 -0.42
C HIS A 32 -0.21 -25.15 0.60
N GLY A 33 -0.79 -24.64 1.69
CA GLY A 33 -0.01 -23.99 2.72
C GLY A 33 0.42 -22.58 2.38
N GLY A 34 0.07 -22.12 1.18
CA GLY A 34 0.44 -20.77 0.77
C GLY A 34 -0.46 -19.70 1.36
N SER A 35 0.08 -18.50 1.53
CA SER A 35 -0.70 -17.40 2.08
C SER A 35 -0.32 -16.07 1.46
N VAL A 36 -1.15 -15.07 1.72
CA VAL A 36 -0.90 -13.74 1.19
C VAL A 36 -1.58 -12.69 2.05
N TYR A 37 -0.87 -11.59 2.26
CA TYR A 37 -1.40 -10.47 3.03
C TYR A 37 -2.18 -9.63 2.02
N LEU A 38 -3.33 -9.09 2.42
CA LEU A 38 -4.13 -8.29 1.52
C LEU A 38 -4.80 -7.09 2.15
N GLN A 39 -5.00 -6.07 1.34
CA GLN A 39 -5.67 -4.84 1.74
C GLN A 39 -7.04 -5.22 2.30
N GLN A 40 -7.35 -4.76 3.50
CA GLN A 40 -8.63 -5.10 4.10
C GLN A 40 -9.77 -4.79 3.14
N GLY A 41 -10.67 -5.75 2.96
CA GLY A 41 -11.80 -5.57 2.08
C GLY A 41 -11.56 -5.74 0.59
N SER A 42 -10.33 -6.05 0.18
CA SER A 42 -10.03 -6.20 -1.25
C SER A 42 -10.49 -7.51 -1.88
N MSE A 43 -10.90 -8.46 -1.06
CA MSE A 43 -11.36 -9.75 -1.58
C MSE A 43 -12.59 -9.62 -2.48
O MSE A 43 -13.53 -8.93 -2.13
CB MSE A 43 -11.68 -10.68 -0.41
CG MSE A 43 -12.14 -12.04 -0.85
SE MSE A 43 -10.70 -13.06 -1.56
CE MSE A 43 -10.00 -13.68 0.14
N VAL A 44 -12.60 -10.27 -3.63
CA VAL A 44 -13.77 -10.23 -4.51
C VAL A 44 -14.42 -11.60 -4.44
N TYR A 45 -13.59 -12.64 -4.47
CA TYR A 45 -14.07 -14.01 -4.35
C TYR A 45 -12.89 -14.95 -4.12
N HIS A 46 -13.19 -16.16 -3.65
CA HIS A 46 -12.14 -17.12 -3.37
C HIS A 46 -12.71 -18.53 -3.32
N THR A 47 -11.89 -19.52 -3.59
CA THR A 47 -12.36 -20.90 -3.54
C THR A 47 -12.61 -21.32 -2.09
N GLU A 48 -13.42 -22.35 -1.92
CA GLU A 48 -13.78 -22.84 -0.59
C GLU A 48 -12.60 -23.18 0.31
N ASN A 49 -11.54 -23.73 -0.26
CA ASN A 49 -10.36 -24.11 0.54
C ASN A 49 -9.48 -22.93 0.93
N VAL A 50 -9.95 -21.71 0.66
CA VAL A 50 -9.20 -20.52 1.02
C VAL A 50 -9.91 -19.81 2.17
N THR A 51 -9.20 -19.65 3.29
CA THR A 51 -9.76 -19.00 4.47
C THR A 51 -9.14 -17.63 4.72
N LEU A 52 -9.98 -16.68 5.12
CA LEU A 52 -9.54 -15.32 5.40
C LEU A 52 -9.41 -15.13 6.91
N ASN A 53 -8.19 -14.83 7.37
CA ASN A 53 -7.95 -14.62 8.78
C ASN A 53 -7.59 -13.16 9.09
N THR A 54 -8.06 -12.67 10.23
CA THR A 54 -7.78 -11.30 10.66
C THR A 54 -7.32 -11.33 12.12
N LYS A 55 -6.96 -10.17 12.65
CA LYS A 55 -6.52 -10.11 14.05
C LYS A 55 -7.70 -10.05 15.01
N LEU A 56 -8.91 -10.03 14.47
CA LEU A 56 -10.12 -9.97 15.29
C LEU A 56 -10.80 -11.33 15.34
N ASN A 57 -9.99 -12.39 15.27
CA ASN A 57 -10.50 -13.75 15.30
C ASN A 57 -11.01 -14.08 16.69
N GLY A 62 -17.57 -8.36 21.62
CA GLY A 62 -17.70 -6.92 21.67
C GLY A 62 -16.42 -6.24 22.09
N LEU A 63 -16.54 -5.09 22.73
CA LEU A 63 -15.36 -4.36 23.20
C LEU A 63 -14.67 -5.24 24.22
N GLY A 64 -13.36 -5.07 24.37
CA GLY A 64 -12.63 -5.87 25.33
C GLY A 64 -11.57 -6.71 24.64
N LYS A 65 -10.32 -6.33 24.85
CA LYS A 65 -9.19 -7.02 24.26
C LYS A 65 -9.22 -7.09 22.74
N LEU A 66 -10.06 -6.26 22.13
CA LEU A 66 -10.10 -6.13 20.68
C LEU A 66 -9.22 -4.90 20.68
N VAL A 67 -9.18 -4.31 21.87
CA VAL A 67 -8.37 -3.14 22.19
C VAL A 67 -6.99 -3.76 22.34
N GLY A 68 -6.99 -5.03 22.72
CA GLY A 68 -5.75 -5.77 22.89
C GLY A 68 -5.29 -6.19 21.50
N ALA A 69 -6.25 -6.38 20.60
CA ALA A 69 -5.94 -6.76 19.23
C ALA A 69 -5.22 -5.57 18.59
N ILE A 70 -5.80 -4.39 18.75
CA ILE A 70 -5.23 -3.16 18.22
C ILE A 70 -3.94 -2.86 18.97
N GLY A 71 -3.97 -3.08 20.28
CA GLY A 71 -2.82 -2.82 21.12
C GLY A 71 -1.55 -3.55 20.72
N ARG A 72 -1.66 -4.84 20.42
CA ARG A 72 -0.51 -5.64 20.04
C ARG A 72 0.04 -5.28 18.66
N SER A 73 -0.83 -4.84 17.76
CA SER A 73 -0.39 -4.49 16.41
C SER A 73 0.40 -3.19 16.41
N MSE A 74 0.02 -2.25 17.27
CA MSE A 74 0.69 -0.96 17.37
C MSE A 74 2.16 -1.10 17.76
O MSE A 74 3.01 -0.31 17.35
CB MSE A 74 -0.04 -0.07 18.37
CG MSE A 74 -1.48 0.23 17.99
SE MSE A 74 -2.44 1.22 19.36
CE MSE A 74 -2.16 3.01 18.69
N VAL A 75 2.46 -2.12 18.57
CA VAL A 75 3.83 -2.35 19.02
C VAL A 75 4.56 -3.32 18.10
N SER A 76 3.80 -4.23 17.48
CA SER A 76 4.39 -5.20 16.57
C SER A 76 4.66 -4.55 15.21
N GLY A 77 4.09 -3.37 15.01
CA GLY A 77 4.27 -2.67 13.76
C GLY A 77 3.36 -3.18 12.66
N GLU A 78 2.37 -3.98 13.05
CA GLU A 78 1.42 -4.55 12.10
C GLU A 78 0.26 -3.60 11.85
N SER A 79 -0.50 -3.86 10.80
CA SER A 79 -1.64 -3.02 10.45
C SER A 79 -2.95 -3.74 10.64
N MSE A 80 -3.94 -3.04 11.20
CA MSE A 80 -5.25 -3.61 11.42
C MSE A 80 -6.04 -3.62 10.12
O MSE A 80 -7.10 -4.24 10.05
CB MSE A 80 -6.00 -2.79 12.47
CG MSE A 80 -5.49 -2.96 13.89
SE MSE A 80 -5.85 -4.74 14.56
CE MSE A 80 -4.24 -5.61 13.95
N PHE A 81 -5.52 -2.96 9.09
CA PHE A 81 -6.20 -2.89 7.81
C PHE A 81 -5.60 -3.85 6.78
N ILE A 82 -4.90 -4.86 7.28
CA ILE A 82 -4.31 -5.88 6.43
C ILE A 82 -4.74 -7.24 6.95
N THR A 83 -5.31 -8.05 6.06
CA THR A 83 -5.76 -9.38 6.43
C THR A 83 -4.91 -10.41 5.72
N GLN A 84 -5.07 -11.67 6.06
CA GLN A 84 -4.29 -12.71 5.41
C GLN A 84 -5.14 -13.88 4.98
N ALA A 85 -4.93 -14.34 3.76
CA ALA A 85 -5.66 -15.46 3.20
C ALA A 85 -4.77 -16.69 3.18
N MSE A 86 -5.29 -17.80 3.69
CA MSE A 86 -4.54 -19.06 3.72
C MSE A 86 -5.23 -20.10 2.85
O MSE A 86 -6.45 -20.16 2.79
CB MSE A 86 -4.42 -19.58 5.16
CG MSE A 86 -3.33 -18.92 5.98
SE MSE A 86 -3.76 -17.12 6.53
CE MSE A 86 -4.12 -17.47 8.40
N SER A 87 -4.43 -20.94 2.20
CA SER A 87 -4.96 -21.98 1.33
C SER A 87 -4.66 -23.39 1.82
N ASN A 88 -5.68 -24.24 1.78
CA ASN A 88 -5.57 -25.64 2.19
C ASN A 88 -5.70 -26.41 0.89
N GLY A 89 -4.56 -26.65 0.23
CA GLY A 89 -4.55 -27.34 -1.04
C GLY A 89 -4.42 -26.25 -2.10
N ASP A 90 -4.65 -26.56 -3.37
CA ASP A 90 -4.55 -25.54 -4.40
C ASP A 90 -5.79 -24.65 -4.35
N GLY A 91 -5.58 -23.35 -4.13
CA GLY A 91 -6.72 -22.45 -4.04
C GLY A 91 -6.58 -21.20 -4.91
N LYS A 92 -7.69 -20.49 -5.07
CA LYS A 92 -7.70 -19.28 -5.88
C LYS A 92 -8.49 -18.16 -5.22
N LEU A 93 -8.12 -16.92 -5.52
CA LEU A 93 -8.84 -15.78 -4.99
C LEU A 93 -8.59 -14.61 -5.91
N ALA A 94 -9.47 -13.62 -5.86
CA ALA A 94 -9.34 -12.46 -6.71
C ALA A 94 -9.47 -11.23 -5.82
N LEU A 95 -8.63 -10.24 -6.06
CA LEU A 95 -8.64 -9.00 -5.28
C LEU A 95 -8.91 -7.81 -6.18
N ALA A 96 -9.48 -6.76 -5.57
CA ALA A 96 -9.77 -5.53 -6.28
C ALA A 96 -9.28 -4.36 -5.43
N PRO A 97 -8.55 -3.42 -6.03
CA PRO A 97 -8.04 -2.25 -5.31
C PRO A 97 -9.24 -1.41 -4.87
N ASN A 98 -9.10 -0.67 -3.77
CA ASN A 98 -10.22 0.14 -3.28
C ASN A 98 -10.37 1.48 -4.01
N THR A 99 -9.42 1.82 -4.88
CA THR A 99 -9.51 3.07 -5.62
C THR A 99 -9.33 2.83 -7.13
N PRO A 100 -9.97 3.66 -7.97
CA PRO A 100 -9.85 3.51 -9.41
C PRO A 100 -8.42 3.79 -9.86
N GLY A 101 -7.78 2.82 -10.49
CA GLY A 101 -6.41 3.06 -10.92
C GLY A 101 -5.74 1.84 -11.53
N GLN A 102 -4.46 1.67 -11.22
CA GLN A 102 -3.67 0.57 -11.74
C GLN A 102 -3.03 -0.23 -10.61
N ILE A 103 -2.44 -1.36 -10.98
CA ILE A 103 -1.75 -2.22 -10.04
C ILE A 103 -0.36 -2.46 -10.59
N VAL A 104 0.64 -2.46 -9.72
CA VAL A 104 2.01 -2.72 -10.15
C VAL A 104 2.58 -3.80 -9.24
N ALA A 105 3.25 -4.77 -9.84
CA ALA A 105 3.85 -5.87 -9.09
C ALA A 105 5.34 -5.61 -8.98
N LEU A 106 5.88 -5.71 -7.77
CA LEU A 106 7.29 -5.48 -7.54
C LEU A 106 7.92 -6.69 -6.85
N GLU A 107 9.01 -7.18 -7.43
CA GLU A 107 9.73 -8.33 -6.89
C GLU A 107 10.58 -7.90 -5.70
N LEU A 108 10.47 -8.64 -4.60
CA LEU A 108 11.22 -8.31 -3.40
C LEU A 108 12.42 -9.23 -3.19
N GLY A 109 13.51 -8.65 -2.69
CA GLY A 109 14.72 -9.41 -2.45
C GLY A 109 15.87 -8.43 -2.32
N GLU A 110 16.66 -8.30 -3.38
CA GLU A 110 17.78 -7.37 -3.38
C GLU A 110 17.19 -5.97 -3.29
N LYS A 111 15.94 -5.84 -3.72
CA LYS A 111 15.25 -4.56 -3.67
C LYS A 111 14.03 -4.67 -2.76
N GLN A 112 13.77 -3.59 -2.04
CA GLN A 112 12.63 -3.51 -1.13
C GLN A 112 11.99 -2.16 -1.37
N TYR A 113 10.79 -1.97 -0.85
CA TYR A 113 10.09 -0.71 -1.04
C TYR A 113 9.34 -0.21 0.18
N ARG A 114 9.02 1.08 0.14
CA ARG A 114 8.24 1.73 1.18
C ARG A 114 6.99 2.18 0.42
N LEU A 115 5.84 2.20 1.11
CA LEU A 115 4.60 2.60 0.48
C LEU A 115 3.76 3.48 1.38
N ASN A 116 3.03 4.40 0.77
CA ASN A 116 2.15 5.29 1.49
C ASN A 116 0.85 4.56 1.83
N ASP A 117 0.08 5.14 2.74
CA ASP A 117 -1.21 4.57 3.14
C ASP A 117 -2.13 4.51 1.94
N GLY A 118 -2.75 3.36 1.77
CA GLY A 118 -3.67 3.16 0.68
C GLY A 118 -3.03 2.57 -0.55
N ALA A 119 -1.70 2.58 -0.62
CA ALA A 119 -1.03 2.04 -1.81
C ALA A 119 -0.84 0.52 -1.76
N PHE A 120 -0.97 -0.06 -0.58
CA PHE A 120 -0.80 -1.50 -0.44
C PHE A 120 -2.01 -2.31 -0.91
N LEU A 121 -1.74 -3.36 -1.68
CA LEU A 121 -2.81 -4.24 -2.15
C LEU A 121 -2.58 -5.68 -1.69
N ALA A 122 -1.37 -6.19 -1.91
CA ALA A 122 -1.06 -7.56 -1.51
C ALA A 122 0.42 -7.82 -1.34
N LEU A 123 0.73 -8.87 -0.59
CA LEU A 123 2.11 -9.22 -0.31
C LEU A 123 2.24 -10.71 -0.04
N ASP A 124 3.24 -11.34 -0.65
CA ASP A 124 3.47 -12.76 -0.45
C ASP A 124 3.59 -13.07 1.04
N GLY A 125 3.01 -14.18 1.46
CA GLY A 125 3.09 -14.55 2.86
C GLY A 125 4.53 -14.83 3.27
N SER A 126 5.39 -15.07 2.29
CA SER A 126 6.79 -15.36 2.56
C SER A 126 7.55 -14.08 2.91
N ALA A 127 6.98 -12.93 2.56
CA ALA A 127 7.60 -11.64 2.84
C ALA A 127 7.12 -11.09 4.18
N GLN A 128 7.71 -9.97 4.59
CA GLN A 128 7.36 -9.33 5.85
C GLN A 128 7.19 -7.83 5.62
N TYR A 129 6.56 -7.15 6.58
CA TYR A 129 6.37 -5.72 6.46
C TYR A 129 6.30 -5.07 7.84
N LYS A 130 6.57 -3.78 7.88
CA LYS A 130 6.49 -3.04 9.12
C LYS A 130 5.88 -1.67 8.82
N MSE A 131 5.09 -1.18 9.77
CA MSE A 131 4.43 0.12 9.64
C MSE A 131 5.19 1.12 10.51
O MSE A 131 5.63 0.78 11.60
CB MSE A 131 2.98 0.05 10.13
CG MSE A 131 2.12 -1.01 9.45
SE MSE A 131 1.89 -0.69 7.56
CE MSE A 131 0.85 0.93 7.65
N GLU A 132 5.33 2.35 10.03
CA GLU A 132 6.01 3.38 10.78
C GLU A 132 5.30 4.71 10.69
N ARG A 133 4.95 5.29 11.84
CA ARG A 133 4.29 6.58 11.86
C ARG A 133 5.35 7.65 11.64
N GLN A 134 5.10 8.54 10.68
CA GLN A 134 6.06 9.59 10.38
C GLN A 134 6.00 10.66 11.47
N ASN A 135 7.15 11.25 11.78
CA ASN A 135 7.23 12.26 12.82
C ASN A 135 6.52 13.57 12.49
N ILE A 136 5.24 13.47 12.15
CA ILE A 136 4.41 14.63 11.81
C ILE A 136 5.01 15.52 10.73
N GLY A 137 4.23 16.49 10.27
CA GLY A 137 4.70 17.39 9.24
C GLY A 137 5.96 18.14 9.65
N GLY A 145 -5.87 9.05 13.42
CA GLY A 145 -5.41 9.36 12.08
C GLY A 145 -3.96 8.99 11.87
N GLY A 146 -3.09 10.00 11.83
CA GLY A 146 -1.67 9.75 11.64
C GLY A 146 -1.29 9.35 10.23
N LEU A 147 -0.03 9.56 9.89
CA LEU A 147 0.48 9.22 8.57
C LEU A 147 1.47 8.07 8.72
N PHE A 148 1.15 6.92 8.12
CA PHE A 148 2.03 5.76 8.22
C PHE A 148 2.65 5.32 6.90
N VAL A 149 3.88 4.84 6.98
CA VAL A 149 4.60 4.34 5.81
C VAL A 149 4.93 2.88 6.05
N MSE A 150 4.69 2.06 5.03
CA MSE A 150 4.95 0.63 5.10
C MSE A 150 6.26 0.30 4.41
O MSE A 150 6.56 0.83 3.33
CB MSE A 150 3.82 -0.15 4.41
CG MSE A 150 4.05 -1.65 4.32
SE MSE A 150 2.67 -2.51 3.26
CE MSE A 150 1.14 -1.89 4.23
N THR A 151 7.08 -0.56 5.03
CA THR A 151 8.35 -0.95 4.44
C THR A 151 8.38 -2.47 4.36
N THR A 152 8.76 -3.00 3.20
CA THR A 152 8.82 -4.43 2.97
C THR A 152 10.17 -5.04 3.32
N GLU A 153 10.18 -6.37 3.43
CA GLU A 153 11.39 -7.13 3.73
C GLU A 153 11.12 -8.55 3.28
N GLY A 154 12.19 -9.29 2.96
CA GLY A 154 12.04 -10.68 2.56
C GLY A 154 11.91 -10.91 1.07
N LEU A 155 11.61 -12.16 0.71
CA LEU A 155 11.46 -12.55 -0.68
C LEU A 155 9.98 -12.69 -1.01
N GLY A 156 9.62 -12.41 -2.26
CA GLY A 156 8.24 -12.52 -2.67
C GLY A 156 7.82 -11.38 -3.58
N THR A 157 6.53 -11.27 -3.79
CA THR A 157 6.01 -10.20 -4.64
C THR A 157 5.13 -9.25 -3.86
N LEU A 158 5.26 -7.97 -4.15
CA LEU A 158 4.45 -6.92 -3.53
C LEU A 158 3.56 -6.36 -4.62
N LEU A 159 2.28 -6.20 -4.32
CA LEU A 159 1.36 -5.61 -5.29
C LEU A 159 0.94 -4.26 -4.71
N ALA A 160 1.23 -3.18 -5.43
CA ALA A 160 0.87 -1.83 -5.00
C ALA A 160 -0.22 -1.34 -5.95
N ASN A 161 -1.07 -0.44 -5.48
CA ASN A 161 -2.17 0.07 -6.30
C ASN A 161 -2.19 1.60 -6.27
N SER A 162 -2.65 2.21 -7.36
CA SER A 162 -2.71 3.66 -7.44
C SER A 162 -4.11 4.20 -7.62
N PHE A 163 -4.27 5.48 -7.30
CA PHE A 163 -5.52 6.18 -7.57
C PHE A 163 -5.04 6.98 -8.80
N GLY A 164 -5.59 6.66 -9.97
CA GLY A 164 -5.16 7.33 -11.18
C GLY A 164 -4.14 6.43 -11.86
N SER A 165 -3.40 6.99 -12.81
CA SER A 165 -2.39 6.23 -13.57
C SER A 165 -1.02 6.33 -12.91
N ILE A 166 -0.19 5.29 -13.13
CA ILE A 166 1.15 5.22 -12.55
C ILE A 166 2.28 5.60 -13.49
N LYS A 167 3.24 6.36 -12.94
CA LYS A 167 4.42 6.77 -13.69
C LYS A 167 5.63 6.36 -12.86
N LYS A 168 6.61 5.74 -13.52
CA LYS A 168 7.82 5.30 -12.85
C LYS A 168 8.92 6.31 -13.09
N ILE A 169 9.52 6.79 -12.00
CA ILE A 169 10.60 7.77 -12.07
C ILE A 169 11.86 7.15 -11.47
N THR A 170 12.99 7.34 -12.13
CA THR A 170 14.24 6.80 -11.63
C THR A 170 15.20 7.91 -11.23
N LEU A 171 15.66 7.86 -9.98
CA LEU A 171 16.61 8.84 -9.48
C LEU A 171 17.99 8.20 -9.57
N ASP A 172 18.97 8.94 -10.07
CA ASP A 172 20.32 8.40 -10.21
C ASP A 172 21.32 9.09 -9.29
N GLY A 173 20.87 9.47 -8.10
CA GLY A 173 21.75 10.13 -7.15
C GLY A 173 21.31 11.53 -6.75
N GLY A 174 20.44 12.12 -7.56
CA GLY A 174 19.96 13.46 -7.28
C GLY A 174 18.82 13.52 -6.29
N THR A 175 18.08 14.62 -6.31
CA THR A 175 16.97 14.79 -5.39
C THR A 175 15.71 15.23 -6.12
N MSE A 176 14.56 14.97 -5.51
CA MSE A 176 13.29 15.34 -6.10
C MSE A 176 12.23 15.40 -5.01
O MSE A 176 12.19 14.55 -4.13
CB MSE A 176 12.90 14.31 -7.16
CG MSE A 176 11.67 14.67 -7.96
SE MSE A 176 11.32 13.36 -9.34
CE MSE A 176 12.50 14.06 -10.72
N THR A 177 11.39 16.41 -5.08
CA THR A 177 10.33 16.60 -4.08
C THR A 177 8.97 16.52 -4.77
N ILE A 178 8.11 15.66 -4.24
CA ILE A 178 6.78 15.43 -4.81
C ILE A 178 5.68 15.45 -3.76
N ASP A 179 4.53 16.00 -4.14
CA ASP A 179 3.35 16.05 -3.27
C ASP A 179 3.17 14.58 -2.82
N ASN A 180 3.18 14.33 -1.52
CA ASN A 180 3.07 12.95 -1.05
C ASN A 180 1.77 12.26 -1.42
N ALA A 181 0.74 13.04 -1.70
CA ALA A 181 -0.56 12.47 -2.08
C ALA A 181 -0.47 11.77 -3.43
N HIS A 182 0.60 12.06 -4.17
CA HIS A 182 0.84 11.46 -5.48
C HIS A 182 1.91 10.39 -5.46
N VAL A 183 2.43 10.08 -4.27
CA VAL A 183 3.47 9.07 -4.15
C VAL A 183 2.88 7.72 -3.78
N VAL A 184 3.12 6.72 -4.64
CA VAL A 184 2.60 5.38 -4.40
C VAL A 184 3.57 4.53 -3.57
N ALA A 185 4.76 4.32 -4.10
CA ALA A 185 5.77 3.49 -3.45
C ALA A 185 7.14 3.89 -3.96
N TRP A 186 8.19 3.60 -3.21
CA TRP A 186 9.53 3.96 -3.64
C TRP A 186 10.59 3.04 -3.05
N SER A 187 11.75 3.00 -3.69
CA SER A 187 12.85 2.15 -3.22
C SER A 187 13.25 2.44 -1.78
N ARG A 188 13.44 1.37 -1.01
CA ARG A 188 13.82 1.51 0.38
C ARG A 188 15.23 2.09 0.47
N GLU A 189 16.01 1.84 -0.56
CA GLU A 189 17.38 2.31 -0.65
C GLU A 189 17.50 3.84 -0.75
N LEU A 190 16.41 4.50 -1.14
CA LEU A 190 16.40 5.96 -1.27
C LEU A 190 16.27 6.65 0.09
N ASP A 191 16.73 7.90 0.16
CA ASP A 191 16.60 8.68 1.38
C ASP A 191 15.31 9.47 1.17
N TYR A 192 14.42 9.46 2.15
CA TYR A 192 13.17 10.19 2.00
C TYR A 192 12.80 10.96 3.25
N ASP A 193 11.98 11.98 3.07
CA ASP A 193 11.53 12.81 4.18
C ASP A 193 10.20 13.47 3.84
N ILE A 194 9.15 13.07 4.55
CA ILE A 194 7.82 13.64 4.36
C ILE A 194 7.71 14.83 5.32
N HIS A 195 7.41 16.00 4.78
CA HIS A 195 7.33 17.20 5.61
C HIS A 195 6.45 18.26 4.96
N LEU A 196 6.12 19.29 5.72
CA LEU A 196 5.30 20.38 5.22
C LEU A 196 6.26 21.47 4.75
N GLU A 197 5.93 22.12 3.64
CA GLU A 197 6.78 23.17 3.08
C GLU A 197 6.59 24.56 3.69
N ASN A 198 5.47 24.77 4.37
CA ASN A 198 5.21 26.08 4.97
C ASN A 198 4.11 26.04 6.04
N GLY A 199 3.78 27.23 6.54
CA GLY A 199 2.76 27.34 7.57
C GLY A 199 1.41 26.81 7.16
N PHE A 200 0.57 26.52 8.14
CA PHE A 200 -0.77 26.00 7.88
C PHE A 200 -1.59 27.01 7.07
N MSE A 201 -1.48 28.28 7.45
CA MSE A 201 -2.21 29.34 6.75
C MSE A 201 -1.75 29.43 5.30
O MSE A 201 -2.55 29.70 4.40
CB MSE A 201 -1.97 30.69 7.44
CG MSE A 201 -3.24 31.30 8.02
SE MSE A 201 -4.53 31.73 6.66
CE MSE A 201 -4.03 33.56 6.34
N GLN A 202 -0.46 29.20 5.08
CA GLN A 202 0.11 29.25 3.74
C GLN A 202 -0.38 28.04 2.94
N SER A 203 -0.62 26.94 3.64
CA SER A 203 -1.10 25.71 3.01
C SER A 203 -2.56 25.85 2.61
N ILE A 204 -3.29 26.67 3.35
CA ILE A 204 -4.70 26.90 3.06
C ILE A 204 -4.85 27.56 1.69
N GLY A 205 -3.92 28.45 1.37
CA GLY A 205 -3.96 29.13 0.09
C GLY A 205 -3.51 28.27 -1.08
N THR A 206 -2.47 27.48 -0.87
CA THR A 206 -1.94 26.62 -1.94
C THR A 206 -2.72 25.33 -2.12
N GLY A 207 -3.34 24.85 -1.05
CA GLY A 207 -4.09 23.62 -1.14
C GLY A 207 -3.12 22.44 -1.26
N GLU A 208 -1.87 22.67 -0.86
CA GLU A 208 -0.85 21.64 -0.92
C GLU A 208 -0.56 21.06 0.46
N GLY A 209 -0.55 19.73 0.54
CA GLY A 209 -0.27 19.05 1.79
C GLY A 209 1.21 18.72 1.87
N VAL A 210 1.57 17.82 2.78
CA VAL A 210 2.97 17.44 2.95
C VAL A 210 3.58 16.90 1.67
N VAL A 211 4.87 17.16 1.50
CA VAL A 211 5.59 16.69 0.33
C VAL A 211 6.59 15.64 0.78
N ASN A 212 7.09 14.87 -0.17
CA ASN A 212 8.08 13.84 0.12
C ASN A 212 9.33 14.20 -0.67
N THR A 213 10.43 14.41 0.03
CA THR A 213 11.69 14.75 -0.63
C THR A 213 12.57 13.50 -0.67
N PHE A 214 12.92 13.06 -1.88
CA PHE A 214 13.74 11.89 -2.10
C PHE A 214 15.16 12.25 -2.49
N ARG A 215 16.13 11.46 -2.03
CA ARG A 215 17.53 11.68 -2.36
C ARG A 215 18.24 10.35 -2.51
N GLY A 216 19.04 10.20 -3.57
CA GLY A 216 19.77 8.96 -3.77
C GLY A 216 19.47 8.23 -5.07
N HIS A 217 19.63 6.91 -5.02
CA HIS A 217 19.39 6.05 -6.18
C HIS A 217 18.21 5.12 -5.91
N GLY A 218 17.30 5.04 -6.88
CA GLY A 218 16.14 4.17 -6.71
C GLY A 218 14.96 4.60 -7.55
N GLU A 219 13.85 3.86 -7.46
CA GLU A 219 12.66 4.20 -8.22
C GLU A 219 11.57 4.81 -7.35
N ILE A 220 10.79 5.70 -7.96
CA ILE A 220 9.68 6.36 -7.29
C ILE A 220 8.47 6.14 -8.18
N TYR A 221 7.41 5.57 -7.62
CA TYR A 221 6.19 5.35 -8.39
C TYR A 221 5.18 6.38 -7.96
N ILE A 222 4.74 7.21 -8.89
CA ILE A 222 3.76 8.21 -8.56
C ILE A 222 2.45 7.90 -9.26
N GLN A 223 1.37 8.50 -8.78
CA GLN A 223 0.05 8.28 -9.36
C GLN A 223 -0.44 9.65 -9.84
N SER A 224 -1.29 9.66 -10.86
CA SER A 224 -1.77 10.91 -11.44
C SER A 224 -2.99 11.57 -10.80
N LEU A 225 -3.48 11.03 -9.68
CA LEU A 225 -4.62 11.63 -8.99
C LEU A 225 -4.34 11.74 -7.50
N ASN A 226 -5.00 12.70 -6.87
CA ASN A 226 -4.86 12.99 -5.44
C ASN A 226 -6.21 12.68 -4.78
N LEU A 227 -6.25 11.65 -3.93
CA LEU A 227 -7.49 11.26 -3.26
C LEU A 227 -8.07 12.37 -2.40
N GLU A 228 -7.21 13.08 -1.68
CA GLU A 228 -7.67 14.16 -0.82
C GLU A 228 -8.29 15.28 -1.64
N GLN A 229 -7.65 15.62 -2.76
CA GLN A 229 -8.16 16.67 -3.63
C GLN A 229 -9.48 16.25 -4.24
N PHE A 230 -9.60 14.98 -4.63
CA PHE A 230 -10.84 14.50 -5.21
C PHE A 230 -11.95 14.58 -4.17
N ALA A 231 -11.67 14.14 -2.95
CA ALA A 231 -12.66 14.18 -1.88
C ALA A 231 -13.12 15.62 -1.69
N GLY A 232 -12.19 16.56 -1.86
CA GLY A 232 -12.51 17.97 -1.72
C GLY A 232 -13.55 18.47 -2.72
N THR A 233 -13.52 17.92 -3.93
CA THR A 233 -14.47 18.33 -4.96
C THR A 233 -15.86 17.78 -4.67
N LEU A 234 -15.94 16.76 -3.85
CA LEU A 234 -17.21 16.13 -3.52
C LEU A 234 -17.90 16.81 -2.33
N LYS A 235 -17.11 17.47 -1.50
CA LYS A 235 -17.62 18.15 -0.31
C LYS A 235 -18.85 19.04 -0.49
N ARG A 236 -18.82 19.90 -1.50
CA ARG A 236 -19.95 20.80 -1.74
C ARG A 236 -21.28 20.08 -1.93
N TYR A 237 -21.23 18.88 -2.51
CA TYR A 237 -22.44 18.11 -2.75
C TYR A 237 -22.80 17.22 -1.57
N LEU A 238 -21.99 17.27 -0.52
CA LEU A 238 -22.23 16.47 0.66
C LEU A 238 -22.41 17.37 1.88
CA CA B . -6.20 1.72 -6.79
CA CA C . -14.42 -7.05 -0.80
#